data_7T8N
#
_entry.id   7T8N
#
_cell.length_a   60.670
_cell.length_b   60.670
_cell.length_c   185.520
_cell.angle_alpha   90.000
_cell.angle_beta   90.000
_cell.angle_gamma   120.000
#
_symmetry.space_group_name_H-M   'P 62'
#
loop_
_entity.id
_entity.type
_entity.pdbx_description
1 polymer 'Poly-beta-1,6-N-acetyl-D-glucosamine export protein'
2 non-polymer 'MAGNESIUM ION'
3 non-polymer 'CHLORIDE ION'
4 water water
#
_entity_poly.entity_id   1
_entity_poly.type   'polypeptide(L)'
_entity_poly.pdbx_seq_one_letter_code
;DANLTPDIRADIHAELVRLSFMPTRSESERYAIADRALAQYAALEILWHDNPDRTAQYQRIQVDHLGALLTRDRYKDVIS
HYQRLKKTGQIIPPWGQYWVASAYLKDHQPKKAQSIMTELFYHKETIAPDLSDEELADLFYSHLESEN
;
_entity_poly.pdbx_strand_id   AAA,BBB
#
loop_
_chem_comp.id
_chem_comp.type
_chem_comp.name
_chem_comp.formula
CL non-polymer 'CHLORIDE ION' 'Cl -1'
MG non-polymer 'MAGNESIUM ION' 'Mg 2'
#
# COMPACT_ATOMS: atom_id res chain seq x y z
N THR A 5 -4.41 5.13 -29.68
CA THR A 5 -3.07 4.71 -30.25
C THR A 5 -1.95 5.10 -29.29
N PRO A 6 -1.86 6.37 -28.83
CA PRO A 6 -0.91 6.73 -27.78
C PRO A 6 -1.14 5.87 -26.52
N ASP A 7 -2.41 5.62 -26.19
CA ASP A 7 -2.83 4.72 -25.09
C ASP A 7 -2.11 3.37 -25.28
N ILE A 8 -2.19 2.77 -26.47
CA ILE A 8 -1.64 1.40 -26.67
C ILE A 8 -0.11 1.48 -26.64
N ARG A 9 0.49 2.60 -27.04
CA ARG A 9 1.97 2.73 -27.03
C ARG A 9 2.42 2.79 -25.57
N ALA A 10 1.70 3.52 -24.72
CA ALA A 10 1.97 3.59 -23.27
C ALA A 10 1.71 2.20 -22.66
N ASP A 11 0.63 1.54 -23.09
CA ASP A 11 0.25 0.16 -22.68
C ASP A 11 1.44 -0.77 -22.96
N ILE A 12 2.05 -0.69 -24.13
CA ILE A 12 3.21 -1.53 -24.54
C ILE A 12 4.40 -1.24 -23.62
N HIS A 13 4.68 0.03 -23.35
CA HIS A 13 5.76 0.46 -22.44
C HIS A 13 5.52 -0.22 -21.08
N ALA A 14 4.34 -0.03 -20.51
CA ALA A 14 3.93 -0.60 -19.21
C ALA A 14 4.18 -2.10 -19.22
N GLU A 15 3.69 -2.81 -20.23
CA GLU A 15 3.82 -4.30 -20.33
C GLU A 15 5.29 -4.67 -20.20
N LEU A 16 6.18 -3.97 -20.91
CA LEU A 16 7.62 -4.28 -20.97
C LEU A 16 8.19 -4.16 -19.55
N VAL A 17 7.91 -3.04 -18.87
CA VAL A 17 8.37 -2.77 -17.48
C VAL A 17 7.94 -3.94 -16.57
N ARG A 18 6.69 -4.41 -16.71
CA ARG A 18 6.15 -5.53 -15.89
C ARG A 18 6.89 -6.82 -16.25
N LEU A 19 7.14 -7.05 -17.54
CA LEU A 19 7.88 -8.26 -18.00
C LEU A 19 9.30 -8.25 -17.45
N SER A 20 9.81 -7.08 -17.06
CA SER A 20 11.21 -6.90 -16.57
C SER A 20 11.33 -7.42 -15.13
N PHE A 21 10.21 -7.47 -14.40
CA PHE A 21 10.15 -7.92 -13.00
C PHE A 21 9.96 -9.44 -12.91
N MET A 22 10.13 -10.18 -13.99
CA MET A 22 10.07 -11.67 -13.97
C MET A 22 11.31 -12.19 -13.25
N PRO A 23 11.16 -12.94 -12.13
CA PRO A 23 12.28 -13.63 -11.50
C PRO A 23 12.65 -14.90 -12.31
N THR A 24 11.66 -15.46 -13.02
CA THR A 24 11.82 -16.55 -14.01
C THR A 24 12.95 -16.20 -14.99
N ARG A 25 13.21 -14.90 -15.22
CA ARG A 25 14.22 -14.36 -16.18
C ARG A 25 15.55 -14.11 -15.44
N SER A 26 16.67 -14.40 -16.11
CA SER A 26 18.06 -14.17 -15.63
C SER A 26 18.41 -12.68 -15.67
N GLU A 27 19.65 -12.31 -15.31
CA GLU A 27 20.12 -10.90 -15.25
C GLU A 27 20.24 -10.34 -16.67
N SER A 28 20.90 -11.08 -17.57
CA SER A 28 21.07 -10.78 -19.02
C SER A 28 19.73 -10.41 -19.65
N GLU A 29 18.73 -11.28 -19.46
CA GLU A 29 17.37 -11.16 -20.06
C GLU A 29 16.66 -9.95 -19.44
N ARG A 30 16.66 -9.86 -18.11
CA ARG A 30 16.04 -8.74 -17.35
C ARG A 30 16.57 -7.42 -17.94
N TYR A 31 17.89 -7.27 -17.96
CA TYR A 31 18.62 -6.07 -18.43
C TYR A 31 18.20 -5.72 -19.87
N ALA A 32 18.07 -6.74 -20.72
CA ALA A 32 17.73 -6.60 -22.16
C ALA A 32 16.30 -6.05 -22.29
N ILE A 33 15.36 -6.53 -21.47
CA ILE A 33 13.91 -6.15 -21.56
C ILE A 33 13.72 -4.76 -20.94
N ALA A 34 14.43 -4.47 -19.85
CA ALA A 34 14.55 -3.12 -19.26
C ALA A 34 14.98 -2.12 -20.33
N ASP A 35 15.97 -2.51 -21.15
CA ASP A 35 16.51 -1.65 -22.24
C ASP A 35 15.41 -1.41 -23.29
N ARG A 36 14.73 -2.44 -23.79
CA ARG A 36 13.60 -2.27 -24.74
C ARG A 36 12.63 -1.19 -24.24
N ALA A 37 12.40 -1.13 -22.92
CA ALA A 37 11.45 -0.17 -22.31
C ALA A 37 12.10 1.21 -22.14
N LEU A 38 13.34 1.26 -21.66
CA LEU A 38 14.12 2.52 -21.53
C LEU A 38 14.15 3.26 -22.89
N ALA A 39 14.26 2.51 -23.98
CA ALA A 39 14.32 2.98 -25.38
C ALA A 39 12.93 3.45 -25.82
N GLN A 40 11.93 2.56 -25.79
CA GLN A 40 10.54 2.97 -26.12
C GLN A 40 10.25 4.31 -25.41
N TYR A 41 10.75 4.46 -24.18
CA TYR A 41 10.50 5.65 -23.32
C TYR A 41 11.16 6.85 -23.98
N ALA A 42 12.48 6.78 -24.17
CA ALA A 42 13.33 7.87 -24.71
C ALA A 42 12.65 8.50 -25.94
N ALA A 43 12.10 7.67 -26.81
CA ALA A 43 11.35 8.04 -28.02
C ALA A 43 10.08 8.82 -27.63
N LEU A 44 9.30 8.26 -26.74
CA LEU A 44 7.96 8.82 -26.42
C LEU A 44 8.13 10.11 -25.62
N GLU A 45 9.12 10.15 -24.73
CA GLU A 45 9.51 11.39 -24.01
C GLU A 45 9.52 12.54 -25.03
N ILE A 46 10.33 12.39 -26.07
CA ILE A 46 10.58 13.41 -27.12
C ILE A 46 9.28 13.64 -27.90
N LEU A 47 8.65 12.57 -28.39
CA LEU A 47 7.42 12.67 -29.22
C LEU A 47 6.35 13.47 -28.48
N TRP A 48 6.30 13.38 -27.14
CA TRP A 48 5.11 13.85 -26.35
C TRP A 48 5.41 15.10 -25.52
N HIS A 49 6.68 15.42 -25.20
CA HIS A 49 7.08 16.52 -24.28
C HIS A 49 6.14 17.73 -24.36
N ASP A 50 6.08 18.39 -25.51
CA ASP A 50 5.35 19.68 -25.68
C ASP A 50 3.98 19.38 -26.31
N ASN A 51 3.11 18.67 -25.62
CA ASN A 51 1.82 18.25 -26.23
C ASN A 51 0.73 18.12 -25.17
N PRO A 52 -0.24 19.07 -25.10
CA PRO A 52 -1.32 18.98 -24.12
C PRO A 52 -2.32 17.85 -24.42
N ASP A 53 -2.38 17.41 -25.69
CA ASP A 53 -3.29 16.35 -26.19
C ASP A 53 -2.79 14.95 -25.80
N ARG A 54 -1.55 14.83 -25.29
CA ARG A 54 -0.94 13.55 -24.89
C ARG A 54 -0.44 13.60 -23.43
N THR A 55 -0.91 14.60 -22.67
CA THR A 55 -0.53 14.91 -21.26
C THR A 55 -0.77 13.69 -20.37
N ALA A 56 -1.85 12.95 -20.63
CA ALA A 56 -2.29 11.82 -19.81
C ALA A 56 -1.24 10.69 -19.88
N GLN A 57 -1.01 10.19 -21.09
CA GLN A 57 -0.18 8.98 -21.29
C GLN A 57 1.28 9.39 -21.13
N TYR A 58 1.60 10.70 -21.22
CA TYR A 58 2.96 11.19 -20.85
C TYR A 58 3.23 10.82 -19.40
N GLN A 59 2.31 11.23 -18.52
CA GLN A 59 2.42 11.07 -17.04
C GLN A 59 2.58 9.57 -16.69
N ARG A 60 1.84 8.71 -17.38
CA ARG A 60 1.92 7.25 -17.15
C ARG A 60 3.33 6.73 -17.37
N ILE A 61 3.93 7.04 -18.52
CA ILE A 61 5.26 6.50 -18.89
C ILE A 61 6.28 7.09 -17.92
N GLN A 62 6.06 8.34 -17.51
CA GLN A 62 6.90 9.03 -16.49
C GLN A 62 7.04 8.10 -15.29
N VAL A 63 5.93 7.54 -14.78
CA VAL A 63 6.00 6.65 -13.58
C VAL A 63 6.53 5.29 -14.01
N ASP A 64 5.94 4.64 -15.01
CA ASP A 64 6.40 3.30 -15.44
C ASP A 64 7.92 3.33 -15.66
N HIS A 65 8.51 4.50 -15.95
CA HIS A 65 9.96 4.67 -16.18
C HIS A 65 10.75 4.32 -14.92
N LEU A 66 10.16 4.53 -13.74
CA LEU A 66 10.83 4.26 -12.43
C LEU A 66 11.10 2.76 -12.33
N GLY A 67 10.16 1.95 -12.83
CA GLY A 67 10.27 0.48 -12.89
C GLY A 67 11.47 0.04 -13.71
N ALA A 68 11.55 0.49 -14.96
CA ALA A 68 12.63 0.13 -15.89
C ALA A 68 13.98 0.52 -15.29
N LEU A 69 14.13 1.75 -14.83
CA LEU A 69 15.39 2.26 -14.20
C LEU A 69 15.79 1.30 -13.06
N LEU A 70 14.83 0.98 -12.19
CA LEU A 70 15.06 0.09 -11.01
C LEU A 70 15.43 -1.32 -11.49
N THR A 71 14.71 -1.85 -12.48
CA THR A 71 14.94 -3.20 -13.03
C THR A 71 16.37 -3.32 -13.54
N ARG A 72 16.92 -2.24 -14.12
CA ARG A 72 18.30 -2.23 -14.67
C ARG A 72 19.33 -1.80 -13.61
N ASP A 73 18.90 -1.67 -12.35
CA ASP A 73 19.79 -1.52 -11.16
C ASP A 73 20.41 -0.12 -11.16
N ARG A 74 19.73 0.81 -11.82
CA ARG A 74 20.18 2.22 -11.92
C ARG A 74 19.49 2.98 -10.80
N TYR A 75 19.89 2.68 -9.57
CA TYR A 75 19.18 3.09 -8.32
C TYR A 75 19.14 4.62 -8.26
N LYS A 76 20.30 5.27 -8.37
CA LYS A 76 20.47 6.74 -8.22
C LYS A 76 19.62 7.48 -9.24
N ASP A 77 19.39 6.87 -10.41
CA ASP A 77 18.61 7.46 -11.52
C ASP A 77 17.13 7.37 -11.16
N VAL A 78 16.70 6.28 -10.51
CA VAL A 78 15.28 6.10 -10.09
C VAL A 78 14.94 7.24 -9.13
N ILE A 79 15.87 7.56 -8.23
CA ILE A 79 15.73 8.61 -7.19
C ILE A 79 15.70 9.98 -7.88
N SER A 80 16.63 10.22 -8.81
CA SER A 80 16.76 11.52 -9.51
C SER A 80 15.54 11.71 -10.42
N HIS A 81 15.04 10.66 -11.07
CA HIS A 81 13.79 10.72 -11.85
C HIS A 81 12.61 10.98 -10.90
N TYR A 82 12.54 10.26 -9.78
CA TYR A 82 11.51 10.48 -8.74
C TYR A 82 11.48 11.95 -8.34
N GLN A 83 12.64 12.47 -7.91
CA GLN A 83 12.82 13.86 -7.41
C GLN A 83 12.42 14.87 -8.49
N ARG A 84 12.69 14.54 -9.75
N ARG A 84 12.69 14.54 -9.75
CA ARG A 84 12.35 15.37 -10.93
CA ARG A 84 12.34 15.39 -10.92
C ARG A 84 10.82 15.33 -11.13
C ARG A 84 10.81 15.34 -11.12
N LEU A 85 10.19 14.17 -10.92
CA LEU A 85 8.72 14.00 -11.01
C LEU A 85 8.05 14.76 -9.87
N LYS A 86 8.71 14.78 -8.71
CA LYS A 86 8.20 15.47 -7.51
C LYS A 86 8.04 16.96 -7.86
N LYS A 87 9.07 17.54 -8.49
CA LYS A 87 9.15 19.00 -8.76
C LYS A 87 8.26 19.37 -9.96
N THR A 88 7.50 18.44 -10.52
CA THR A 88 6.42 18.73 -11.50
C THR A 88 5.06 18.65 -10.79
N GLY A 89 5.05 18.37 -9.49
CA GLY A 89 3.82 18.27 -8.69
C GLY A 89 2.90 17.15 -9.15
N GLN A 90 3.45 16.21 -9.94
CA GLN A 90 2.76 14.99 -10.42
C GLN A 90 2.56 14.01 -9.25
N ILE A 91 1.42 13.31 -9.21
CA ILE A 91 1.09 12.40 -8.08
C ILE A 91 1.57 11.01 -8.48
N ILE A 92 2.56 10.47 -7.77
CA ILE A 92 3.12 9.11 -7.99
C ILE A 92 2.15 8.10 -7.37
N PRO A 93 1.54 7.20 -8.16
CA PRO A 93 0.72 6.15 -7.56
C PRO A 93 1.56 5.33 -6.58
N PRO A 94 0.90 4.67 -5.61
CA PRO A 94 1.58 3.79 -4.65
C PRO A 94 2.61 2.81 -5.22
N TRP A 95 2.31 2.09 -6.31
CA TRP A 95 3.23 1.10 -6.93
C TRP A 95 4.53 1.79 -7.37
N GLY A 96 4.42 3.05 -7.76
CA GLY A 96 5.58 3.89 -8.10
C GLY A 96 6.42 4.22 -6.88
N GLN A 97 5.76 4.46 -5.76
CA GLN A 97 6.47 4.73 -4.49
C GLN A 97 7.15 3.45 -4.01
N TYR A 98 6.55 2.29 -4.24
CA TYR A 98 7.16 0.98 -3.87
C TYR A 98 8.52 0.89 -4.58
N TRP A 99 8.53 1.20 -5.88
CA TRP A 99 9.74 1.12 -6.72
C TRP A 99 10.83 2.02 -6.15
N VAL A 100 10.51 3.29 -5.89
CA VAL A 100 11.53 4.30 -5.44
C VAL A 100 12.04 3.92 -4.05
N ALA A 101 11.20 3.34 -3.21
CA ALA A 101 11.64 2.83 -1.88
C ALA A 101 12.74 1.78 -2.13
N SER A 102 12.49 0.80 -2.99
CA SER A 102 13.44 -0.30 -3.29
C SER A 102 14.79 0.34 -3.63
N ALA A 103 14.74 1.38 -4.46
CA ALA A 103 15.92 2.11 -4.98
C ALA A 103 16.64 2.82 -3.84
N TYR A 104 15.91 3.58 -3.03
CA TYR A 104 16.45 4.35 -1.89
C TYR A 104 17.19 3.39 -0.97
N LEU A 105 16.71 2.16 -0.88
CA LEU A 105 17.28 1.13 0.02
C LEU A 105 18.59 0.62 -0.56
N LYS A 106 18.59 0.31 -1.85
CA LYS A 106 19.75 -0.27 -2.56
C LYS A 106 20.85 0.78 -2.69
N ASP A 107 20.51 2.08 -2.63
CA ASP A 107 21.48 3.21 -2.55
C ASP A 107 21.96 3.46 -1.11
N HIS A 108 21.89 2.45 -0.22
CA HIS A 108 22.37 2.52 1.18
C HIS A 108 21.74 3.72 1.89
N GLN A 109 20.43 3.89 1.76
CA GLN A 109 19.72 5.12 2.22
C GLN A 109 18.37 4.75 2.81
N PRO A 110 18.33 3.86 3.83
CA PRO A 110 17.11 3.21 4.23
C PRO A 110 16.06 4.11 4.91
N LYS A 111 16.49 5.12 5.67
CA LYS A 111 15.61 6.06 6.41
C LYS A 111 14.58 6.68 5.46
N LYS A 112 14.98 6.95 4.23
CA LYS A 112 14.10 7.54 3.19
C LYS A 112 13.10 6.48 2.73
N ALA A 113 13.53 5.22 2.58
CA ALA A 113 12.67 4.08 2.19
C ALA A 113 11.56 3.91 3.24
N GLN A 114 11.92 3.98 4.53
CA GLN A 114 10.99 3.85 5.68
C GLN A 114 9.93 4.94 5.58
N SER A 115 10.37 6.21 5.41
CA SER A 115 9.46 7.38 5.44
C SER A 115 8.46 7.26 4.32
N ILE A 116 8.86 6.68 3.19
CA ILE A 116 7.97 6.40 2.02
C ILE A 116 6.92 5.38 2.41
N MET A 117 7.36 4.25 2.96
CA MET A 117 6.44 3.17 3.40
C MET A 117 5.48 3.71 4.48
N THR A 118 6.00 4.44 5.46
CA THR A 118 5.16 5.12 6.48
C THR A 118 4.09 5.94 5.76
N GLU A 119 4.45 6.89 4.91
CA GLU A 119 3.48 7.82 4.27
C GLU A 119 2.48 7.05 3.41
N LEU A 120 2.75 5.78 3.10
CA LEU A 120 1.91 4.97 2.19
C LEU A 120 0.71 4.41 2.95
N PHE A 121 0.90 3.99 4.21
CA PHE A 121 -0.10 3.29 5.07
C PHE A 121 -0.38 4.11 6.32
N TYR A 122 -1.37 4.99 6.21
CA TYR A 122 -1.94 5.75 7.35
C TYR A 122 -3.47 5.67 7.31
N HIS A 123 -4.10 6.27 8.32
CA HIS A 123 -5.56 6.51 8.39
C HIS A 123 -5.76 8.02 8.52
N LYS A 124 -6.74 8.56 7.80
CA LYS A 124 -7.05 10.02 7.76
C LYS A 124 -8.50 10.20 8.15
N GLU A 125 -8.71 11.08 9.11
CA GLU A 125 -10.05 11.46 9.63
C GLU A 125 -10.15 12.97 9.51
N THR A 126 -11.12 13.46 8.74
CA THR A 126 -11.43 14.91 8.64
C THR A 126 -11.90 15.48 9.98
N ILE A 127 -11.63 16.76 10.19
CA ILE A 127 -12.13 17.58 11.32
C ILE A 127 -12.82 18.83 10.75
N ALA A 128 -13.52 18.67 9.62
CA ALA A 128 -14.14 19.75 8.84
C ALA A 128 -15.49 20.07 9.46
N PRO A 129 -15.59 21.13 10.30
CA PRO A 129 -16.88 21.69 10.64
C PRO A 129 -17.61 21.72 9.29
N ASP A 130 -18.73 21.00 9.18
CA ASP A 130 -19.61 21.14 8.00
C ASP A 130 -20.06 22.62 7.99
N LEU A 131 -19.47 23.40 7.09
CA LEU A 131 -19.82 24.83 6.90
C LEU A 131 -20.51 24.94 5.54
N SER A 132 -21.53 25.79 5.42
CA SER A 132 -22.13 26.13 4.10
C SER A 132 -21.14 27.01 3.33
N ASP A 133 -21.30 27.08 2.00
CA ASP A 133 -20.51 27.99 1.13
C ASP A 133 -20.66 29.42 1.65
N GLU A 134 -21.88 29.81 2.05
CA GLU A 134 -22.26 31.18 2.52
C GLU A 134 -21.66 31.47 3.90
N GLU A 135 -21.34 30.41 4.67
CA GLU A 135 -20.74 30.46 6.02
C GLU A 135 -19.22 30.45 5.88
N LEU A 136 -18.71 29.64 4.97
CA LEU A 136 -17.27 29.67 4.62
C LEU A 136 -16.97 31.08 4.11
N ALA A 137 -17.85 31.63 3.27
CA ALA A 137 -17.72 33.00 2.73
C ALA A 137 -17.63 34.00 3.88
N ASP A 138 -18.59 33.98 4.80
CA ASP A 138 -18.66 34.91 5.95
C ASP A 138 -17.37 34.81 6.78
N LEU A 139 -16.42 33.93 6.44
CA LEU A 139 -15.12 33.75 7.14
C LEU A 139 -14.00 34.56 6.45
N PHE A 140 -14.25 35.11 5.25
CA PHE A 140 -13.28 35.88 4.41
C PHE A 140 -13.93 37.20 3.96
N ASP B 1 -31.59 3.48 12.81
CA ASP B 1 -30.79 3.86 14.03
C ASP B 1 -29.97 2.67 14.58
N ALA B 2 -30.20 1.44 14.09
CA ALA B 2 -29.88 0.16 14.78
C ALA B 2 -28.45 -0.32 14.53
N ASN B 3 -27.80 0.09 13.42
CA ASN B 3 -26.39 -0.26 13.08
C ASN B 3 -25.40 0.75 13.69
N LEU B 4 -25.90 1.84 14.29
CA LEU B 4 -25.15 2.98 14.87
C LEU B 4 -24.24 2.53 16.02
N THR B 5 -24.81 1.89 17.04
CA THR B 5 -24.06 1.37 18.21
C THR B 5 -23.02 0.35 17.73
N PRO B 6 -23.39 -0.72 16.98
CA PRO B 6 -22.42 -1.72 16.58
C PRO B 6 -21.31 -1.09 15.71
N ASP B 7 -21.69 -0.16 14.84
CA ASP B 7 -20.75 0.65 14.02
C ASP B 7 -19.72 1.28 14.96
N ILE B 8 -20.17 1.95 16.03
CA ILE B 8 -19.24 2.69 16.93
C ILE B 8 -18.37 1.69 17.69
N ARG B 9 -18.90 0.50 17.97
CA ARG B 9 -18.14 -0.52 18.74
C ARG B 9 -17.02 -1.03 17.83
N ALA B 10 -17.30 -1.27 16.55
CA ALA B 10 -16.28 -1.67 15.56
C ALA B 10 -15.27 -0.52 15.37
N ASP B 11 -15.78 0.71 15.30
CA ASP B 11 -14.98 1.96 15.18
C ASP B 11 -13.99 2.01 16.34
N ILE B 12 -14.44 1.75 17.58
CA ILE B 12 -13.56 1.84 18.78
C ILE B 12 -12.53 0.71 18.73
N HIS B 13 -12.93 -0.49 18.29
CA HIS B 13 -12.01 -1.63 18.10
C HIS B 13 -10.89 -1.16 17.15
N ALA B 14 -11.26 -0.69 15.97
CA ALA B 14 -10.31 -0.20 14.97
C ALA B 14 -9.34 0.79 15.61
N GLU B 15 -9.86 1.79 16.32
CA GLU B 15 -9.01 2.86 16.88
C GLU B 15 -7.94 2.24 17.79
N LEU B 16 -8.32 1.27 18.61
CA LEU B 16 -7.42 0.62 19.61
C LEU B 16 -6.27 -0.04 18.84
N VAL B 17 -6.60 -0.82 17.79
CA VAL B 17 -5.61 -1.50 16.90
C VAL B 17 -4.62 -0.45 16.41
N ARG B 18 -5.11 0.70 15.94
CA ARG B 18 -4.26 1.78 15.37
C ARG B 18 -3.40 2.40 16.48
N LEU B 19 -3.95 2.59 17.68
CA LEU B 19 -3.20 3.15 18.83
C LEU B 19 -2.01 2.23 19.17
N SER B 20 -2.12 0.95 18.81
CA SER B 20 -1.12 -0.10 19.13
C SER B 20 0.11 0.06 18.23
N PHE B 21 -0.08 0.64 17.05
CA PHE B 21 0.99 0.86 16.04
C PHE B 21 1.76 2.16 16.28
N MET B 22 1.51 2.89 17.38
CA MET B 22 2.25 4.15 17.62
C MET B 22 3.65 3.81 18.10
N PRO B 23 4.69 4.17 17.31
CA PRO B 23 6.05 3.65 17.51
C PRO B 23 6.76 4.34 18.68
N THR B 24 6.27 5.53 19.05
CA THR B 24 6.63 6.25 20.29
C THR B 24 6.56 5.30 21.50
N ARG B 25 5.72 4.24 21.47
CA ARG B 25 5.39 3.36 22.62
C ARG B 25 6.31 2.14 22.70
N SER B 26 6.65 1.75 23.93
CA SER B 26 7.48 0.57 24.31
C SER B 26 6.71 -0.73 24.08
N GLU B 27 7.34 -1.88 24.38
CA GLU B 27 6.77 -3.24 24.17
C GLU B 27 5.61 -3.47 25.15
N SER B 28 5.84 -3.19 26.44
CA SER B 28 4.84 -3.32 27.54
C SER B 28 3.58 -2.51 27.19
N GLU B 29 3.71 -1.26 26.75
CA GLU B 29 2.58 -0.33 26.40
C GLU B 29 1.86 -0.86 25.17
N ARG B 30 2.62 -1.15 24.12
CA ARG B 30 2.10 -1.71 22.83
C ARG B 30 1.22 -2.92 23.17
N TYR B 31 1.81 -3.89 23.88
CA TYR B 31 1.20 -5.18 24.27
C TYR B 31 -0.09 -4.92 25.03
N ALA B 32 -0.12 -3.94 25.92
CA ALA B 32 -1.28 -3.61 26.80
C ALA B 32 -2.46 -3.14 25.93
N ILE B 33 -2.19 -2.31 24.93
CA ILE B 33 -3.24 -1.67 24.09
C ILE B 33 -3.72 -2.69 23.04
N ALA B 34 -2.80 -3.49 22.51
CA ALA B 34 -3.10 -4.66 21.66
C ALA B 34 -4.09 -5.57 22.40
N ASP B 35 -3.87 -5.80 23.69
CA ASP B 35 -4.73 -6.66 24.54
C ASP B 35 -6.12 -6.05 24.65
N ARG B 36 -6.24 -4.76 25.00
CA ARG B 36 -7.56 -4.08 25.03
C ARG B 36 -8.37 -4.38 23.75
N ALA B 37 -7.70 -4.45 22.59
CA ALA B 37 -8.36 -4.68 21.29
C ALA B 37 -8.62 -6.17 21.06
N LEU B 38 -7.64 -7.02 21.37
CA LEU B 38 -7.80 -8.51 21.29
C LEU B 38 -9.05 -8.95 22.09
N ALA B 39 -9.27 -8.30 23.23
CA ALA B 39 -10.38 -8.55 24.18
C ALA B 39 -11.68 -7.97 23.61
N GLN B 40 -11.73 -6.69 23.30
CA GLN B 40 -12.91 -6.09 22.62
C GLN B 40 -13.36 -7.06 21.51
N TYR B 41 -12.41 -7.65 20.80
CA TYR B 41 -12.68 -8.53 19.64
C TYR B 41 -13.38 -9.79 20.15
N ALA B 42 -12.70 -10.52 21.03
CA ALA B 42 -13.17 -11.80 21.63
C ALA B 42 -14.65 -11.71 22.07
N ALA B 43 -15.03 -10.58 22.68
CA ALA B 43 -16.41 -10.25 23.10
C ALA B 43 -17.31 -10.14 21.87
N LEU B 44 -16.90 -9.36 20.88
CA LEU B 44 -17.78 -9.04 19.72
C LEU B 44 -17.90 -10.26 18.83
N GLU B 45 -16.81 -11.00 18.68
CA GLU B 45 -16.74 -12.35 18.06
C GLU B 45 -18.01 -13.10 18.47
N ILE B 46 -18.17 -13.30 19.78
CA ILE B 46 -19.26 -14.10 20.41
C ILE B 46 -20.58 -13.37 20.17
N LEU B 47 -20.65 -12.09 20.55
CA LEU B 47 -21.90 -11.30 20.53
C LEU B 47 -22.51 -11.34 19.12
N TRP B 48 -21.69 -11.41 18.06
CA TRP B 48 -22.15 -11.14 16.67
C TRP B 48 -22.20 -12.40 15.80
N HIS B 49 -21.29 -13.38 16.02
N HIS B 49 -21.33 -13.41 16.01
CA HIS B 49 -20.99 -14.51 15.09
CA HIS B 49 -20.95 -14.43 15.00
C HIS B 49 -22.19 -14.81 14.19
C HIS B 49 -22.16 -14.92 14.17
N ASP B 50 -23.31 -15.24 14.78
CA ASP B 50 -24.52 -15.71 14.06
C ASP B 50 -25.54 -14.57 14.07
N ASN B 51 -25.35 -13.57 13.21
CA ASN B 51 -26.22 -12.36 13.18
C ASN B 51 -26.07 -11.66 11.83
N PRO B 52 -27.08 -11.73 10.93
CA PRO B 52 -26.98 -11.11 9.60
C PRO B 52 -27.02 -9.58 9.64
N ASP B 53 -27.57 -9.00 10.73
CA ASP B 53 -27.78 -7.54 10.92
C ASP B 53 -26.47 -6.87 11.34
N ARG B 54 -25.44 -7.65 11.68
CA ARG B 54 -24.11 -7.10 12.07
C ARG B 54 -23.02 -7.80 11.26
N THR B 55 -23.36 -8.36 10.11
CA THR B 55 -22.42 -9.06 9.17
C THR B 55 -21.33 -8.09 8.69
N ALA B 56 -21.70 -6.83 8.47
CA ALA B 56 -20.78 -5.75 8.04
C ALA B 56 -19.76 -5.49 9.14
N GLN B 57 -20.24 -5.12 10.33
CA GLN B 57 -19.46 -4.81 11.55
C GLN B 57 -18.55 -6.00 11.91
N TYR B 58 -19.06 -7.22 11.72
CA TYR B 58 -18.31 -8.46 12.03
C TYR B 58 -17.06 -8.49 11.17
N GLN B 59 -17.26 -8.32 9.86
CA GLN B 59 -16.20 -8.40 8.82
C GLN B 59 -15.12 -7.35 9.08
N ARG B 60 -15.49 -6.14 9.51
CA ARG B 60 -14.52 -5.06 9.83
C ARG B 60 -13.54 -5.54 10.89
N ILE B 61 -14.08 -6.03 12.00
CA ILE B 61 -13.27 -6.41 13.18
C ILE B 61 -12.37 -7.58 12.76
N GLN B 62 -12.90 -8.45 11.91
CA GLN B 62 -12.15 -9.60 11.34
C GLN B 62 -10.83 -9.07 10.77
N VAL B 63 -10.85 -7.99 9.96
CA VAL B 63 -9.57 -7.47 9.36
C VAL B 63 -8.79 -6.72 10.45
N ASP B 64 -9.42 -5.77 11.15
CA ASP B 64 -8.73 -4.96 12.17
C ASP B 64 -8.00 -5.92 13.12
N HIS B 65 -8.48 -7.15 13.27
CA HIS B 65 -7.91 -8.17 14.20
C HIS B 65 -6.50 -8.54 13.77
N LEU B 66 -6.19 -8.42 12.47
CA LEU B 66 -4.86 -8.77 11.90
C LEU B 66 -3.82 -7.85 12.54
N GLY B 67 -4.20 -6.58 12.71
CA GLY B 67 -3.35 -5.54 13.32
C GLY B 67 -3.00 -5.89 14.74
N ALA B 68 -4.01 -6.16 15.56
CA ALA B 68 -3.83 -6.47 17.00
C ALA B 68 -2.93 -7.70 17.17
N LEU B 69 -3.22 -8.81 16.47
CA LEU B 69 -2.38 -10.04 16.51
C LEU B 69 -0.94 -9.66 16.19
N LEU B 70 -0.72 -8.91 15.09
CA LEU B 70 0.63 -8.52 14.63
C LEU B 70 1.30 -7.63 15.68
N THR B 71 0.55 -6.66 16.22
CA THR B 71 1.08 -5.70 17.20
C THR B 71 1.60 -6.42 18.43
N ARG B 72 0.95 -7.53 18.82
CA ARG B 72 1.34 -8.32 20.01
C ARG B 72 2.34 -9.43 19.63
N ASP B 73 2.84 -9.43 18.39
CA ASP B 73 3.98 -10.26 17.92
C ASP B 73 3.53 -11.71 17.79
N ARG B 74 2.23 -11.91 17.63
CA ARG B 74 1.64 -13.25 17.39
C ARG B 74 1.56 -13.46 15.89
N TYR B 75 2.73 -13.58 15.26
CA TYR B 75 2.94 -13.64 13.80
C TYR B 75 2.16 -14.82 13.22
N LYS B 76 2.40 -16.03 13.74
CA LYS B 76 1.82 -17.32 13.24
C LYS B 76 0.28 -17.25 13.26
N ASP B 77 -0.29 -16.53 14.23
CA ASP B 77 -1.76 -16.36 14.40
C ASP B 77 -2.26 -15.42 13.30
N VAL B 78 -1.49 -14.38 12.99
CA VAL B 78 -1.86 -13.36 11.96
C VAL B 78 -2.05 -14.09 10.63
N ILE B 79 -1.14 -15.03 10.36
CA ILE B 79 -1.10 -15.83 9.09
C ILE B 79 -2.31 -16.77 9.06
N SER B 80 -2.57 -17.46 10.17
CA SER B 80 -3.66 -18.46 10.28
C SER B 80 -4.99 -17.73 10.16
N HIS B 81 -5.11 -16.56 10.81
CA HIS B 81 -6.33 -15.71 10.73
C HIS B 81 -6.50 -15.23 9.29
N TYR B 82 -5.42 -14.72 8.68
CA TYR B 82 -5.38 -14.27 7.27
C TYR B 82 -5.96 -15.37 6.40
N GLN B 83 -5.34 -16.56 6.47
CA GLN B 83 -5.65 -17.71 5.59
C GLN B 83 -7.10 -18.14 5.80
N ARG B 84 -7.61 -18.02 7.03
CA ARG B 84 -9.01 -18.35 7.38
C ARG B 84 -9.95 -17.30 6.75
N LEU B 85 -9.55 -16.03 6.78
CA LEU B 85 -10.36 -14.92 6.22
C LEU B 85 -10.34 -15.02 4.70
N LYS B 86 -9.21 -15.48 4.16
CA LYS B 86 -9.01 -15.65 2.70
C LYS B 86 -10.07 -16.65 2.21
N LYS B 87 -10.25 -17.77 2.92
CA LYS B 87 -11.13 -18.88 2.48
C LYS B 87 -12.62 -18.51 2.66
N THR B 88 -12.93 -17.36 3.23
CA THR B 88 -14.32 -16.81 3.27
C THR B 88 -14.51 -15.84 2.10
N GLY B 89 -13.47 -15.65 1.28
CA GLY B 89 -13.52 -14.87 0.03
C GLY B 89 -13.80 -13.39 0.26
N GLN B 90 -13.64 -12.88 1.48
CA GLN B 90 -13.81 -11.42 1.76
C GLN B 90 -12.49 -10.71 1.43
N ILE B 91 -12.57 -9.48 0.94
CA ILE B 91 -11.40 -8.62 0.54
C ILE B 91 -10.61 -8.21 1.79
N ILE B 92 -9.30 -8.46 1.79
CA ILE B 92 -8.37 -7.80 2.77
C ILE B 92 -8.00 -6.44 2.20
N PRO B 93 -8.36 -5.31 2.82
CA PRO B 93 -7.87 -4.01 2.36
C PRO B 93 -6.36 -4.00 2.28
N PRO B 94 -5.78 -3.14 1.43
CA PRO B 94 -4.32 -3.03 1.25
C PRO B 94 -3.48 -2.96 2.55
N TRP B 95 -3.91 -2.13 3.51
CA TRP B 95 -3.22 -1.94 4.80
C TRP B 95 -3.16 -3.28 5.54
N GLY B 96 -4.20 -4.09 5.36
CA GLY B 96 -4.32 -5.46 5.90
C GLY B 96 -3.31 -6.39 5.27
N GLN B 97 -3.07 -6.24 3.98
CA GLN B 97 -2.08 -7.05 3.26
C GLN B 97 -0.69 -6.66 3.77
N TYR B 98 -0.47 -5.37 4.02
CA TYR B 98 0.86 -4.89 4.48
C TYR B 98 1.14 -5.57 5.83
N TRP B 99 0.13 -5.62 6.69
CA TRP B 99 0.21 -6.25 8.02
C TRP B 99 0.64 -7.70 7.89
N VAL B 100 -0.06 -8.49 7.06
CA VAL B 100 0.18 -9.96 6.95
C VAL B 100 1.55 -10.19 6.32
N ALA B 101 1.98 -9.31 5.43
CA ALA B 101 3.35 -9.38 4.86
C ALA B 101 4.36 -9.26 6.02
N SER B 102 4.22 -8.26 6.87
CA SER B 102 5.13 -8.02 8.01
C SER B 102 5.20 -9.30 8.84
N ALA B 103 4.06 -9.95 9.05
CA ALA B 103 3.92 -11.21 9.82
C ALA B 103 4.69 -12.35 9.13
N TYR B 104 4.41 -12.54 7.84
CA TYR B 104 5.03 -13.62 7.01
C TYR B 104 6.54 -13.47 7.08
N LEU B 105 7.00 -12.22 7.17
CA LEU B 105 8.44 -11.88 7.18
C LEU B 105 9.03 -12.25 8.53
N LYS B 106 8.35 -11.89 9.61
CA LYS B 106 8.85 -12.12 10.99
C LYS B 106 8.77 -13.61 11.32
N ASP B 107 7.94 -14.39 10.61
CA ASP B 107 7.88 -15.88 10.71
C ASP B 107 8.95 -16.53 9.80
N HIS B 108 10.02 -15.79 9.47
CA HIS B 108 11.20 -16.27 8.70
C HIS B 108 10.72 -16.87 7.38
N GLN B 109 9.88 -16.16 6.65
CA GLN B 109 9.17 -16.69 5.47
C GLN B 109 9.06 -15.59 4.41
N PRO B 110 10.20 -15.04 3.96
CA PRO B 110 10.20 -13.78 3.22
C PRO B 110 9.64 -13.85 1.79
N LYS B 111 9.86 -14.96 1.08
CA LYS B 111 9.46 -15.08 -0.35
C LYS B 111 7.92 -14.93 -0.44
N LYS B 112 7.22 -15.40 0.58
CA LYS B 112 5.74 -15.32 0.65
C LYS B 112 5.34 -13.87 0.94
N ALA B 113 6.10 -13.14 1.75
CA ALA B 113 5.89 -11.69 2.04
C ALA B 113 5.96 -10.88 0.74
N GLN B 114 6.94 -11.16 -0.12
CA GLN B 114 7.11 -10.48 -1.44
C GLN B 114 5.87 -10.77 -2.30
N SER B 115 5.44 -12.04 -2.38
CA SER B 115 4.26 -12.50 -3.15
C SER B 115 3.01 -11.71 -2.73
N ILE B 116 2.87 -11.42 -1.44
CA ILE B 116 1.75 -10.60 -0.88
C ILE B 116 1.87 -9.17 -1.40
N MET B 117 3.06 -8.57 -1.24
CA MET B 117 3.34 -7.20 -1.69
C MET B 117 3.14 -7.09 -3.21
N THR B 118 3.56 -8.08 -4.00
CA THR B 118 3.23 -8.14 -5.44
C THR B 118 1.72 -7.91 -5.64
N GLU B 119 0.85 -8.74 -5.05
CA GLU B 119 -0.62 -8.65 -5.28
C GLU B 119 -1.15 -7.30 -4.75
N LEU B 120 -0.42 -6.65 -3.84
CA LEU B 120 -0.86 -5.43 -3.14
C LEU B 120 -0.74 -4.20 -4.06
N PHE B 121 0.24 -4.18 -4.97
CA PHE B 121 0.45 -3.14 -6.00
C PHE B 121 0.24 -3.74 -7.41
N TYR B 122 -1.01 -3.95 -7.77
CA TYR B 122 -1.42 -4.52 -9.08
C TYR B 122 -2.50 -3.61 -9.70
N HIS B 123 -2.23 -3.07 -10.89
CA HIS B 123 -3.02 -1.96 -11.52
C HIS B 123 -3.48 -2.31 -12.94
N LYS B 124 -2.98 -3.39 -13.53
CA LYS B 124 -3.20 -3.76 -14.96
C LYS B 124 -4.71 -3.83 -15.26
MG MG C . -8.00 8.21 13.72
CL CL D . -7.59 -14.83 17.22
MG MG E . -7.52 0.83 10.28
#